data_1OWH
#
_entry.id   1OWH
#
_cell.length_a   55.160
_cell.length_b   53.000
_cell.length_c   82.300
_cell.angle_alpha   90.00
_cell.angle_beta   90.00
_cell.angle_gamma   90.00
#
_symmetry.space_group_name_H-M   'P 21 21 21'
#
loop_
_entity.id
_entity.type
_entity.pdbx_description
1 polymer 'Urokinase-type plasminogen activator'
2 non-polymer 'SULFATE ION'
3 non-polymer 6-[(Z)-AMINO(IMINO)METHYL]-N-[4-(AMINOMETHYL)PHENYL]-2-NAPHTHAMIDE
4 water water
#
_entity_poly.entity_id   1
_entity_poly.type   'polypeptide(L)'
_entity_poly.pdbx_seq_one_letter_code
;IIGGEFTTIENQPWFAAIYRRHRGGSVTYVCGGSLMSPCWVISATHCFIDYPKKEDYIVYLGRSRLNSNTQGEMKFEVEN
LILHKDYSADTLAHHNDIALLKIRSKEGRCAQPSRTIQTICLPSMYNDPQFGTSCEITGFGKEQSTDYLYPEQLKMTVVK
LISHRECQQPHYYGSEVTTKMLCAADPQWKTDSCQGDSGGPLVCSLQGRMTLTGIVSWGRGCALKDKPGVYTRVSHFLPW
IRSHT
;
_entity_poly.pdbx_strand_id   A
#
loop_
_chem_comp.id
_chem_comp.type
_chem_comp.name
_chem_comp.formula
239 non-polymer 6-[(Z)-AMINO(IMINO)METHYL]-N-[4-(AMINOMETHYL)PHENYL]-2-NAPHTHAMIDE 'C19 H18 N4 O'
SO4 non-polymer 'SULFATE ION' 'O4 S -2'
#
# COMPACT_ATOMS: atom_id res chain seq x y z
N ILE A 1 8.83 -6.46 3.72
CA ILE A 1 9.83 -5.32 3.88
C ILE A 1 11.22 -6.03 4.13
N ILE A 2 12.17 -5.78 3.23
CA ILE A 2 13.58 -6.21 3.37
C ILE A 2 14.24 -5.19 4.31
N GLY A 3 14.96 -5.67 5.33
CA GLY A 3 15.53 -4.78 6.31
C GLY A 3 14.49 -4.07 7.17
N GLY A 4 14.81 -2.86 7.63
CA GLY A 4 13.91 -2.11 8.49
C GLY A 4 13.78 -2.72 9.89
N GLU A 5 12.61 -2.54 10.50
CA GLU A 5 12.42 -2.92 11.87
C GLU A 5 11.05 -3.51 12.12
N PHE A 6 10.99 -4.31 13.17
CA PHE A 6 9.65 -4.77 13.57
C PHE A 6 8.80 -3.66 14.19
N THR A 7 7.47 -3.61 14.18
CA THR A 7 6.78 -2.45 14.75
C THR A 7 5.42 -3.05 15.18
N THR A 8 4.45 -2.27 15.65
CA THR A 8 3.15 -2.81 16.01
C THR A 8 2.18 -1.84 15.39
N ILE A 9 0.87 -2.13 15.42
CA ILE A 9 -0.15 -1.22 14.81
C ILE A 9 -0.37 0.17 15.43
N GLU A 10 -0.05 0.38 16.72
CA GLU A 10 -0.21 1.69 17.32
C GLU A 10 0.73 2.70 16.64
N ASN A 11 1.79 2.19 16.00
CA ASN A 11 2.65 3.17 15.30
C ASN A 11 2.20 3.40 13.86
N GLN A 12 1.30 2.64 13.25
CA GLN A 12 0.80 2.81 11.87
C GLN A 12 -0.71 2.50 11.85
N PRO A 13 -1.51 3.35 12.49
CA PRO A 13 -2.95 2.96 12.73
C PRO A 13 -3.85 3.16 11.56
N TRP A 14 -3.39 3.69 10.43
CA TRP A 14 -4.16 3.73 9.20
C TRP A 14 -3.96 2.44 8.35
N PHE A 15 -3.06 1.56 8.79
CA PHE A 15 -2.76 0.34 7.96
C PHE A 15 -3.84 -0.74 8.06
N ALA A 16 -4.22 -1.13 6.86
CA ALA A 16 -5.22 -2.22 6.70
C ALA A 16 -4.64 -3.50 6.22
N ALA A 17 -4.93 -4.62 6.88
CA ALA A 17 -4.45 -5.94 6.52
C ALA A 17 -5.53 -6.67 5.71
N ILE A 18 -5.29 -7.05 4.45
CA ILE A 18 -6.33 -7.55 3.59
C ILE A 18 -6.09 -9.04 3.21
N TYR A 19 -7.06 -9.93 3.44
CA TYR A 19 -6.89 -11.35 3.31
C TYR A 19 -7.99 -11.84 2.33
N ARG A 20 -7.91 -13.08 1.85
CA ARG A 20 -8.90 -13.67 0.94
C ARG A 20 -9.20 -15.09 1.40
N ARG A 21 -10.50 -15.35 1.40
CA ARG A 21 -10.98 -16.65 1.82
C ARG A 21 -11.05 -17.46 0.55
N HIS A 22 -10.59 -18.70 0.63
CA HIS A 22 -10.57 -19.56 -0.55
C HIS A 22 -11.77 -20.55 -0.45
N ARG A 23 -12.26 -21.14 -1.54
CA ARG A 23 -13.15 -22.31 -1.39
C ARG A 23 -12.55 -23.38 -0.45
N GLY A 24 -13.30 -23.90 0.52
CA GLY A 24 -12.79 -24.89 1.46
C GLY A 24 -12.47 -24.29 2.81
N GLY A 25 -12.35 -22.97 2.87
CA GLY A 25 -12.25 -22.30 4.15
C GLY A 25 -10.89 -21.71 4.50
N SER A 26 -9.85 -22.05 3.75
CA SER A 26 -8.63 -21.41 4.36
C SER A 26 -8.55 -19.94 3.89
N VAL A 27 -7.79 -19.23 4.71
CA VAL A 27 -7.73 -17.78 4.54
C VAL A 27 -6.20 -17.49 4.48
N THR A 28 -5.78 -16.66 3.51
CA THR A 28 -4.39 -16.29 3.37
C THR A 28 -4.28 -14.79 3.16
N TYR A 29 -3.09 -14.29 3.49
CA TYR A 29 -2.84 -12.88 3.37
C TYR A 29 -2.65 -12.44 1.89
N VAL A 30 -3.22 -11.30 1.50
CA VAL A 30 -3.18 -10.79 0.05
C VAL A 30 -2.25 -9.52 -0.09
N CYS A 31 -2.64 -8.42 0.55
CA CYS A 31 -1.98 -7.14 0.32
C CYS A 31 -2.32 -6.20 1.49
N GLY A 32 -1.59 -5.09 1.56
CA GLY A 32 -1.94 -4.00 2.47
C GLY A 32 -2.91 -2.96 1.87
N GLY A 33 -3.36 -2.03 2.72
CA GLY A 33 -4.19 -0.91 2.27
C GLY A 33 -4.12 0.21 3.28
N SER A 34 -4.82 1.32 3.04
CA SER A 34 -4.83 2.51 3.95
C SER A 34 -6.29 3.05 4.18
N LEU A 35 -6.62 3.32 5.45
CA LEU A 35 -7.97 3.96 5.72
C LEU A 35 -7.99 5.43 5.38
N MET A 36 -8.72 5.96 4.39
CA MET A 36 -8.84 7.40 4.15
C MET A 36 -10.06 8.08 4.63
N SER A 37 -11.09 7.31 4.96
CA SER A 37 -12.27 7.89 5.65
C SER A 37 -12.86 6.60 6.27
N PRO A 38 -13.77 6.74 7.24
CA PRO A 38 -14.22 5.55 7.98
C PRO A 38 -14.75 4.38 7.09
N CYS A 39 -15.46 4.68 5.99
CA CYS A 39 -15.90 3.61 5.21
C CYS A 39 -15.01 3.22 4.02
N TRP A 40 -13.88 3.89 3.77
CA TRP A 40 -13.16 3.71 2.52
C TRP A 40 -11.66 3.41 2.77
N VAL A 41 -11.21 2.28 2.25
CA VAL A 41 -9.80 1.83 2.24
C VAL A 41 -9.34 1.90 0.80
N ILE A 42 -8.13 2.43 0.62
CA ILE A 42 -7.57 2.53 -0.76
C ILE A 42 -6.33 1.62 -0.87
N SER A 43 -6.17 1.00 -2.03
CA SER A 43 -5.11 -0.04 -2.17
C SER A 43 -4.77 -0.03 -3.69
N ALA A 44 -4.28 -1.15 -4.22
CA ALA A 44 -3.81 -1.26 -5.62
C ALA A 44 -4.72 -2.22 -6.47
N THR A 45 -5.23 -1.90 -7.66
CA THR A 45 -6.10 -2.77 -8.43
C THR A 45 -5.33 -4.10 -8.69
N HIS A 46 -4.00 -4.22 -8.84
CA HIS A 46 -3.34 -5.53 -9.20
C HIS A 46 -3.53 -6.61 -8.11
N CYS A 47 -3.83 -6.24 -6.88
CA CYS A 47 -4.00 -7.21 -5.79
C CYS A 47 -5.35 -7.97 -6.02
N PHE A 48 -6.25 -7.38 -6.81
CA PHE A 48 -7.64 -7.90 -6.89
C PHE A 48 -8.06 -8.31 -8.26
N ILE A 49 -7.39 -7.86 -9.31
CA ILE A 49 -7.93 -7.93 -10.68
C ILE A 49 -8.21 -9.43 -11.09
N ASP A 50 -7.48 -10.42 -10.61
CA ASP A 50 -7.61 -11.82 -11.05
C ASP A 50 -8.69 -12.53 -10.18
N TYR A 51 -9.14 -11.91 -9.09
CA TYR A 51 -10.15 -12.41 -8.18
C TYR A 51 -11.12 -11.24 -7.82
N PRO A 52 -11.87 -10.74 -8.80
CA PRO A 52 -12.58 -9.47 -8.60
C PRO A 52 -13.90 -9.65 -7.93
N LYS A 53 -14.10 -10.58 -7.00
CA LYS A 53 -15.49 -10.88 -6.41
C LYS A 53 -15.35 -10.18 -5.05
N LYS A 54 -16.11 -9.15 -4.68
CA LYS A 54 -15.93 -8.48 -3.39
C LYS A 54 -16.19 -9.40 -2.21
N GLU A 55 -16.99 -10.44 -2.39
CA GLU A 55 -17.29 -11.36 -1.30
C GLU A 55 -16.15 -12.19 -0.78
N ASP A 56 -15.07 -12.18 -1.56
CA ASP A 56 -13.94 -13.08 -1.20
C ASP A 56 -13.02 -12.48 -0.06
N TYR A 57 -13.08 -11.16 0.12
CA TYR A 57 -12.14 -10.48 1.03
C TYR A 57 -12.50 -10.18 2.48
N ILE A 58 -11.47 -10.18 3.32
CA ILE A 58 -11.60 -9.87 4.77
C ILE A 58 -10.59 -8.75 5.03
N VAL A 59 -11.05 -7.67 5.66
CA VAL A 59 -10.10 -6.50 5.89
C VAL A 59 -10.03 -6.31 7.42
N TYR A 60 -8.87 -6.21 8.06
CA TYR A 60 -8.69 -5.91 9.45
C TYR A 60 -8.07 -4.52 9.64
N LEU A 61 -8.59 -3.81 10.64
CA LEU A 61 -8.01 -2.51 11.02
C LEU A 61 -7.49 -2.76 12.47
N GLY A 62 -6.38 -2.22 12.97
CA GLY A 62 -5.99 -2.45 14.36
C GLY A 62 -5.23 -3.74 14.61
N ARG A 63 -4.77 -4.36 13.53
CA ARG A 63 -4.13 -5.67 13.65
C ARG A 63 -2.59 -5.63 13.56
N SER A 64 -1.81 -6.18 14.50
CA SER A 64 -0.29 -6.06 14.48
C SER A 64 0.38 -7.41 14.05
N ARG A 65 -0.18 -8.61 14.00
CA ARG A 65 0.44 -9.88 13.67
C ARG A 65 -0.42 -10.62 12.71
N LEU A 66 0.19 -11.45 11.87
CA LEU A 66 -0.42 -12.07 10.77
C LEU A 66 -1.39 -13.10 11.28
N ASN A 67 -1.12 -13.74 12.42
CA ASN A 67 -1.99 -14.80 12.92
C ASN A 67 -2.38 -14.62 14.38
N SER A 68 -2.64 -13.41 14.85
CA SER A 68 -3.01 -13.31 16.23
C SER A 68 -4.14 -12.23 16.19
N ASN A 69 -5.14 -12.31 17.06
CA ASN A 69 -6.25 -11.39 16.99
C ASN A 69 -5.97 -10.24 17.97
N THR A 70 -5.15 -9.26 17.56
CA THR A 70 -4.67 -8.19 18.40
C THR A 70 -5.78 -7.46 19.20
N GLN A 71 -5.63 -7.25 20.50
CA GLN A 71 -6.60 -6.41 21.22
C GLN A 71 -6.90 -5.10 20.53
N GLY A 72 -8.21 -4.89 20.36
CA GLY A 72 -8.74 -3.67 19.75
C GLY A 72 -8.90 -3.72 18.24
N GLU A 73 -8.52 -4.84 17.62
CA GLU A 73 -8.72 -4.88 16.14
C GLU A 73 -10.22 -4.90 15.76
N MET A 74 -10.56 -4.60 14.53
CA MET A 74 -11.89 -4.74 13.95
C MET A 74 -11.89 -5.44 12.60
N LYS A 75 -12.84 -6.31 12.33
CA LYS A 75 -12.81 -7.13 11.15
C LYS A 75 -13.92 -6.62 10.17
N PHE A 76 -13.79 -6.57 8.83
CA PHE A 76 -14.82 -6.03 7.95
C PHE A 76 -14.98 -6.90 6.68
N GLU A 77 -16.18 -6.88 6.09
CA GLU A 77 -16.36 -7.32 4.69
C GLU A 77 -16.41 -6.14 3.70
N VAL A 78 -16.32 -6.42 2.39
CA VAL A 78 -16.20 -5.33 1.36
C VAL A 78 -17.60 -5.16 0.70
N GLU A 79 -18.21 -3.99 0.88
CA GLU A 79 -19.54 -3.62 0.29
C GLU A 79 -19.46 -3.21 -1.18
N ASN A 80 -18.34 -2.58 -1.54
CA ASN A 80 -18.19 -2.22 -2.98
C ASN A 80 -16.68 -2.37 -3.29
N LEU A 81 -16.27 -3.12 -4.31
CA LEU A 81 -14.87 -3.13 -4.75
C LEU A 81 -14.84 -2.30 -6.08
N ILE A 82 -14.11 -1.18 -6.07
CA ILE A 82 -14.10 -0.32 -7.22
C ILE A 82 -12.66 -0.37 -7.79
N LEU A 83 -12.56 -0.86 -9.03
CA LEU A 83 -11.21 -0.94 -9.64
C LEU A 83 -11.11 0.11 -10.73
N HIS A 84 -9.90 0.63 -10.96
CA HIS A 84 -9.85 1.66 -11.96
C HIS A 84 -10.11 1.13 -13.40
N LYS A 85 -11.01 1.73 -14.17
CA LYS A 85 -11.41 1.17 -15.51
C LYS A 85 -10.36 1.13 -16.63
N ASP A 86 -9.26 1.87 -16.47
CA ASP A 86 -8.19 1.77 -17.49
C ASP A 86 -6.87 1.26 -16.82
N TYR A 87 -6.95 0.48 -15.74
CA TYR A 87 -5.82 -0.33 -15.20
C TYR A 87 -5.21 -1.22 -16.32
N SER A 88 -3.90 -1.47 -16.29
CA SER A 88 -3.27 -2.47 -17.23
C SER A 88 -1.79 -2.77 -16.72
N ALA A 89 -1.25 -3.91 -17.15
CA ALA A 89 0.05 -4.32 -16.62
C ALA A 89 1.06 -4.59 -17.74
N ASP A 90 2.19 -3.90 -17.84
CA ASP A 90 3.23 -4.23 -18.87
C ASP A 90 4.18 -5.27 -18.20
N THR A 91 5.35 -5.63 -18.75
CA THR A 91 6.32 -6.54 -18.09
C THR A 91 6.74 -6.16 -16.69
N LEU A 92 6.95 -4.86 -16.52
CA LEU A 92 7.31 -4.37 -15.18
C LEU A 92 6.26 -3.36 -14.77
N ALA A 93 5.96 -2.34 -15.57
CA ALA A 93 5.08 -1.24 -15.14
C ALA A 93 3.62 -1.62 -15.02
N HIS A 94 2.95 -1.13 -13.98
CA HIS A 94 1.54 -1.31 -13.82
C HIS A 94 0.88 0.13 -13.91
N HIS A 95 -0.23 0.35 -14.60
CA HIS A 95 -0.87 1.62 -14.88
C HIS A 95 -2.26 1.77 -14.19
N ASN A 96 -2.61 2.95 -13.68
CA ASN A 96 -3.85 3.28 -12.95
C ASN A 96 -3.92 2.17 -11.88
N ASP A 97 -2.86 1.92 -11.12
CA ASP A 97 -2.84 0.78 -10.13
C ASP A 97 -3.45 1.37 -8.79
N ILE A 98 -4.77 1.52 -8.88
CA ILE A 98 -5.40 2.15 -7.71
C ILE A 98 -6.82 1.55 -7.56
N ALA A 99 -7.28 1.29 -6.33
CA ALA A 99 -8.62 0.61 -6.08
C ALA A 99 -9.18 1.18 -4.82
N LEU A 100 -10.51 1.22 -4.80
CA LEU A 100 -11.20 1.61 -3.55
C LEU A 100 -12.04 0.40 -2.98
N LEU A 101 -12.04 0.20 -1.67
CA LEU A 101 -12.80 -0.89 -0.96
C LEU A 101 -13.75 -0.24 0.05
N LYS A 102 -15.06 -0.29 -0.17
CA LYS A 102 -15.95 0.40 0.81
C LYS A 102 -16.17 -0.77 1.82
N ILE A 103 -15.91 -0.53 3.10
CA ILE A 103 -15.91 -1.60 4.19
C ILE A 103 -17.16 -1.44 5.12
N ARG A 104 -17.62 -2.62 5.54
CA ARG A 104 -18.74 -2.67 6.51
C ARG A 104 -18.63 -3.89 7.43
N SER A 105 -18.92 -3.72 8.72
CA SER A 105 -18.92 -4.80 9.69
C SER A 105 -20.17 -5.67 9.43
N LYS A 106 -20.23 -6.81 10.13
CA LYS A 106 -21.43 -7.65 9.96
C LYS A 106 -22.70 -6.96 10.42
N GLU A 107 -22.53 -5.94 11.28
CA GLU A 107 -23.74 -5.11 11.73
C GLU A 107 -24.07 -3.93 10.80
N GLY A 108 -23.19 -3.75 9.80
CA GLY A 108 -23.39 -2.71 8.80
C GLY A 108 -22.74 -1.37 9.07
N ARG A 109 -21.76 -1.36 9.98
CA ARG A 109 -21.02 -0.16 10.30
C ARG A 109 -19.58 0.05 9.66
N CYS A 110 -19.17 1.31 9.51
CA CYS A 110 -17.78 1.57 9.10
C CYS A 110 -16.90 1.52 10.33
N ALA A 111 -15.63 1.86 10.15
CA ALA A 111 -14.72 1.77 11.25
C ALA A 111 -14.98 2.87 12.27
N GLN A 112 -14.58 2.60 13.49
CA GLN A 112 -14.71 3.46 14.63
C GLN A 112 -13.30 3.85 15.04
N PRO A 113 -12.91 5.09 14.75
CA PRO A 113 -11.54 5.48 15.14
C PRO A 113 -11.16 5.17 16.56
N SER A 114 -9.91 4.90 16.91
CA SER A 114 -9.50 4.60 18.28
C SER A 114 -7.96 4.84 18.32
N ARG A 115 -7.29 4.57 19.43
CA ARG A 115 -5.84 4.81 19.50
C ARG A 115 -5.16 3.90 18.45
N THR A 116 -5.67 2.76 17.99
CA THR A 116 -4.97 1.86 17.09
C THR A 116 -5.66 1.85 15.73
N ILE A 117 -6.70 2.64 15.44
CA ILE A 117 -7.40 2.70 14.12
C ILE A 117 -7.63 4.15 13.74
N GLN A 118 -6.97 4.76 12.76
CA GLN A 118 -7.11 6.12 12.37
C GLN A 118 -7.03 6.32 10.83
N THR A 119 -7.54 7.45 10.34
CA THR A 119 -7.43 7.75 8.90
C THR A 119 -6.05 8.42 8.62
N ILE A 120 -5.62 8.29 7.38
CA ILE A 120 -4.42 9.07 6.89
C ILE A 120 -4.86 10.08 5.87
N CYS A 121 -4.42 11.33 6.00
CA CYS A 121 -4.80 12.38 5.01
C CYS A 121 -4.38 12.22 3.53
N LEU A 122 -5.27 12.65 2.63
CA LEU A 122 -4.92 12.69 1.17
C LEU A 122 -4.07 13.97 0.87
N PRO A 123 -3.24 13.91 -0.17
CA PRO A 123 -2.49 15.08 -0.62
C PRO A 123 -3.33 16.15 -1.30
N SER A 124 -2.78 17.34 -1.50
CA SER A 124 -3.39 18.36 -2.35
C SER A 124 -2.97 18.29 -3.83
N MET A 125 -3.77 18.91 -4.69
CA MET A 125 -3.49 18.84 -6.13
C MET A 125 -2.12 19.49 -6.42
N TYR A 126 -1.20 18.98 -7.25
CA TYR A 126 0.10 19.63 -7.61
C TYR A 126 1.05 19.95 -6.46
N ASN A 127 1.13 19.16 -5.39
CA ASN A 127 2.00 19.51 -4.26
C ASN A 127 2.44 18.17 -3.67
N ASP A 128 3.48 17.52 -4.14
CA ASP A 128 4.02 16.32 -3.54
C ASP A 128 5.42 16.73 -3.03
N PRO A 129 6.10 15.88 -2.22
CA PRO A 129 7.27 16.42 -1.52
C PRO A 129 8.44 16.47 -2.52
N GLN A 130 9.47 17.30 -2.36
CA GLN A 130 10.65 17.32 -3.27
C GLN A 130 11.50 16.02 -3.20
N PHE A 131 12.11 15.75 -4.35
CA PHE A 131 12.99 14.55 -4.39
C PHE A 131 14.02 14.63 -3.25
N GLY A 132 14.39 13.48 -2.67
CA GLY A 132 15.31 13.47 -1.53
C GLY A 132 14.66 13.38 -0.14
N THR A 133 13.35 13.60 -0.07
CA THR A 133 12.52 13.59 1.18
C THR A 133 12.52 12.17 1.73
N SER A 134 12.52 11.89 3.04
CA SER A 134 12.45 10.59 3.61
C SER A 134 10.96 10.28 3.89
N CYS A 135 10.53 9.09 3.49
CA CYS A 135 9.13 8.68 3.71
C CYS A 135 9.13 7.29 4.25
N GLU A 136 8.06 6.88 4.92
CA GLU A 136 7.99 5.51 5.53
C GLU A 136 7.05 4.55 4.79
N ILE A 137 7.39 3.27 4.77
CA ILE A 137 6.42 2.27 4.19
C ILE A 137 6.19 1.20 5.24
N THR A 138 5.10 0.45 5.11
CA THR A 138 4.77 -0.54 6.10
C THR A 138 4.10 -1.73 5.43
N GLY A 139 4.36 -2.92 5.96
CA GLY A 139 3.64 -4.10 5.51
C GLY A 139 4.09 -5.43 6.10
N PHE A 140 3.42 -6.51 5.68
CA PHE A 140 3.62 -7.90 6.14
C PHE A 140 4.32 -8.68 5.02
N GLY A 141 4.94 -8.01 4.05
CA GLY A 141 5.57 -8.70 2.95
C GLY A 141 6.87 -9.42 3.28
N LYS A 142 7.47 -10.07 2.28
CA LYS A 142 8.73 -10.86 2.47
C LYS A 142 9.95 -10.14 3.09
N GLU A 143 10.71 -10.78 3.98
CA GLU A 143 11.90 -10.20 4.59
C GLU A 143 13.09 -10.48 3.68
N GLN A 144 12.95 -11.48 2.81
CA GLN A 144 14.07 -11.70 1.79
C GLN A 144 13.44 -12.18 0.48
N SER A 145 13.87 -11.95 -0.76
CA SER A 145 13.11 -12.44 -1.93
C SER A 145 13.18 -13.96 -1.96
N THR A 146 14.10 -14.68 -1.34
CA THR A 146 14.06 -16.15 -1.31
C THR A 146 13.09 -16.66 -0.24
N ASP A 147 12.45 -15.90 0.65
CA ASP A 147 11.47 -16.51 1.50
C ASP A 147 10.20 -16.87 0.77
N TYR A 148 9.43 -17.87 1.25
CA TYR A 148 8.12 -18.16 0.72
C TYR A 148 7.05 -17.79 1.86
N LEU A 149 7.39 -17.78 3.15
CA LEU A 149 6.58 -17.37 4.29
C LEU A 149 6.82 -15.82 4.41
N TYR A 150 5.74 -15.22 4.91
CA TYR A 150 5.74 -13.83 5.36
C TYR A 150 6.00 -13.74 6.91
N PRO A 151 6.56 -12.62 7.39
CA PRO A 151 6.89 -12.43 8.80
C PRO A 151 5.67 -12.38 9.71
N GLU A 152 5.70 -12.99 10.91
CA GLU A 152 4.47 -13.03 11.74
C GLU A 152 4.30 -11.62 12.29
N GLN A 153 5.34 -10.81 12.53
CA GLN A 153 5.11 -9.49 13.09
C GLN A 153 5.17 -8.31 12.04
N LEU A 154 4.31 -7.28 12.08
CA LEU A 154 4.24 -6.18 11.10
C LEU A 154 5.67 -5.56 11.07
N LYS A 155 6.12 -5.11 9.89
CA LYS A 155 7.39 -4.36 9.78
C LYS A 155 7.23 -2.97 9.13
N MET A 156 8.20 -2.09 9.36
CA MET A 156 8.29 -0.83 8.64
C MET A 156 9.74 -0.51 8.22
N THR A 157 9.91 0.44 7.30
CA THR A 157 11.30 0.92 6.99
C THR A 157 11.16 2.40 6.49
N VAL A 158 12.28 3.06 6.21
CA VAL A 158 12.28 4.42 5.70
C VAL A 158 13.15 4.46 4.42
N VAL A 159 12.70 5.14 3.36
CA VAL A 159 13.33 5.23 2.03
C VAL A 159 13.25 6.69 1.55
N LYS A 160 14.06 7.04 0.55
CA LYS A 160 14.03 8.40 0.05
C LYS A 160 13.40 8.58 -1.35
N LEU A 161 12.68 9.64 -1.67
CA LEU A 161 11.99 9.79 -2.95
C LEU A 161 13.03 10.10 -4.01
N ILE A 162 12.78 9.66 -5.25
CA ILE A 162 13.73 9.78 -6.38
C ILE A 162 13.11 10.58 -7.49
N SER A 163 13.73 11.57 -8.15
CA SER A 163 13.10 12.35 -9.18
C SER A 163 12.52 11.64 -10.47
N HIS A 164 11.56 12.13 -11.25
CA HIS A 164 11.14 11.50 -12.53
C HIS A 164 12.41 11.43 -13.49
N ARG A 165 13.19 12.49 -13.68
CA ARG A 165 14.35 12.41 -14.56
C ARG A 165 15.38 11.39 -14.13
N GLU A 166 15.70 11.13 -12.86
CA GLU A 166 16.63 10.04 -12.49
C GLU A 166 15.93 8.72 -12.69
N CYS A 167 14.63 8.57 -12.42
CA CYS A 167 14.10 7.26 -12.46
C CYS A 167 13.99 6.75 -13.90
N GLN A 168 13.93 7.70 -14.84
CA GLN A 168 13.89 7.39 -16.30
C GLN A 168 15.30 7.19 -16.93
N GLN A 169 16.36 7.23 -16.14
CA GLN A 169 17.74 6.90 -16.67
C GLN A 169 17.72 5.44 -17.21
N PRO A 170 18.58 5.13 -18.20
CA PRO A 170 18.64 3.79 -18.81
C PRO A 170 18.86 2.60 -17.83
N HIS A 171 19.75 2.71 -16.82
CA HIS A 171 19.99 1.61 -15.92
C HIS A 171 18.94 1.53 -14.76
N TYR A 172 18.10 2.56 -14.63
CA TYR A 172 16.96 2.49 -13.71
C TYR A 172 15.74 1.95 -14.51
N TYR A 173 14.69 2.71 -14.85
CA TYR A 173 13.49 2.17 -15.59
C TYR A 173 13.25 2.81 -16.99
N GLY A 174 14.08 3.68 -17.56
CA GLY A 174 13.77 4.28 -18.85
C GLY A 174 12.42 4.95 -19.00
N SER A 175 11.82 4.85 -20.19
CA SER A 175 10.50 5.46 -20.36
C SER A 175 9.35 4.56 -19.80
N GLU A 176 9.70 3.48 -19.10
CA GLU A 176 8.61 2.59 -18.57
C GLU A 176 7.98 3.23 -17.36
N VAL A 177 8.67 4.16 -16.71
CA VAL A 177 8.07 4.76 -15.50
C VAL A 177 7.46 6.08 -15.95
N THR A 178 6.20 6.43 -15.66
CA THR A 178 5.56 7.67 -16.16
C THR A 178 5.29 8.81 -15.13
N THR A 179 4.73 9.95 -15.54
CA THR A 179 4.63 11.05 -14.64
C THR A 179 3.45 10.72 -13.68
N LYS A 180 2.62 9.72 -13.95
CA LYS A 180 1.65 9.34 -12.88
C LYS A 180 2.26 8.44 -11.83
N MET A 181 3.57 8.20 -11.78
CA MET A 181 4.21 7.29 -10.90
C MET A 181 5.36 7.93 -10.16
N LEU A 182 5.61 7.55 -8.91
CA LEU A 182 6.73 8.10 -8.08
C LEU A 182 7.74 7.00 -7.65
N CYS A 183 9.05 7.25 -7.77
CA CYS A 183 10.01 6.27 -7.32
C CYS A 183 10.59 6.60 -5.96
N ALA A 184 10.86 5.57 -5.15
CA ALA A 184 11.64 5.75 -3.85
C ALA A 184 12.56 4.54 -3.48
N ALA A 185 13.68 4.74 -2.80
CA ALA A 185 14.63 3.59 -2.44
C ALA A 185 15.64 3.93 -1.38
N ASP A 186 16.39 2.93 -0.93
CA ASP A 186 17.56 3.20 0.04
C ASP A 186 18.74 3.62 -0.93
N PRO A 187 19.50 4.67 -0.60
CA PRO A 187 20.75 4.91 -1.38
C PRO A 187 21.71 3.75 -1.31
N GLN A 188 21.74 2.97 -0.21
CA GLN A 188 22.62 1.74 -0.10
C GLN A 188 22.04 0.42 -0.53
N TRP A 189 20.84 0.48 -1.10
CA TRP A 189 20.08 -0.70 -1.62
C TRP A 189 19.94 -1.81 -0.60
N LYS A 190 19.82 -1.54 0.70
CA LYS A 190 19.67 -2.62 1.69
C LYS A 190 18.27 -2.82 2.25
N THR A 191 17.41 -1.84 2.01
CA THR A 191 16.03 -1.99 2.54
C THR A 191 14.98 -1.58 1.48
N ASP A 192 13.76 -2.12 1.39
CA ASP A 192 12.77 -1.83 0.31
C ASP A 192 11.45 -2.47 0.70
N SER A 193 10.38 -2.14 -0.04
CA SER A 193 9.23 -3.05 0.02
C SER A 193 9.41 -4.30 -0.88
N CYS A 194 8.52 -5.30 -0.88
CA CYS A 194 8.79 -6.52 -1.61
C CYS A 194 7.35 -7.14 -1.69
N GLN A 195 7.34 -8.24 -2.44
CA GLN A 195 6.09 -8.94 -2.65
C GLN A 195 5.33 -9.19 -1.33
N GLY A 196 4.04 -8.88 -1.32
CA GLY A 196 3.29 -8.95 -0.08
C GLY A 196 3.07 -7.54 0.49
N ASP A 197 3.92 -6.59 0.14
CA ASP A 197 3.70 -5.18 0.58
C ASP A 197 2.80 -4.36 -0.39
N SER A 198 2.41 -4.86 -1.55
CA SER A 198 1.66 -4.10 -2.52
C SER A 198 0.38 -3.57 -1.98
N GLY A 199 -0.04 -2.39 -2.41
CA GLY A 199 -1.26 -1.77 -1.90
C GLY A 199 -1.09 -0.95 -0.65
N GLY A 200 0.03 -1.19 0.06
CA GLY A 200 0.26 -0.57 1.35
C GLY A 200 0.67 0.88 1.15
N PRO A 201 0.73 1.67 2.23
CA PRO A 201 1.10 3.09 2.17
C PRO A 201 2.55 3.56 1.99
N LEU A 202 2.70 4.64 1.22
CA LEU A 202 4.02 5.35 1.33
C LEU A 202 3.55 6.64 2.01
N VAL A 203 3.96 6.86 3.26
CA VAL A 203 3.47 8.07 3.97
C VAL A 203 4.65 9.08 4.08
N CYS A 204 4.46 10.33 3.65
CA CYS A 204 5.50 11.33 3.75
C CYS A 204 4.97 12.45 4.64
N SER A 205 5.79 13.00 5.52
CA SER A 205 5.42 14.18 6.34
C SER A 205 5.61 15.44 5.48
N LEU A 206 4.63 16.25 5.14
CA LEU A 206 4.87 17.26 4.14
C LEU A 206 4.30 18.55 4.76
N GLN A 207 5.10 19.60 4.91
CA GLN A 207 4.61 20.87 5.48
C GLN A 207 3.92 20.65 6.81
N GLY A 208 4.38 19.66 7.58
CA GLY A 208 3.79 19.38 8.88
C GLY A 208 2.81 18.21 8.91
N ARG A 209 2.35 17.75 7.76
CA ARG A 209 1.19 16.86 7.93
C ARG A 209 1.55 15.49 7.37
N MET A 210 1.30 14.39 8.10
CA MET A 210 1.52 13.05 7.57
C MET A 210 0.49 12.77 6.43
N THR A 211 1.04 12.40 5.27
CA THR A 211 0.24 12.43 4.03
C THR A 211 0.39 11.16 3.22
N LEU A 212 -0.65 10.58 2.62
CA LEU A 212 -0.56 9.36 1.81
C LEU A 212 -0.17 9.87 0.40
N THR A 213 1.17 9.84 0.25
CA THR A 213 1.79 10.32 -1.02
C THR A 213 1.77 9.23 -2.13
N GLY A 214 1.94 7.97 -1.72
CA GLY A 214 1.98 6.88 -2.70
C GLY A 214 1.39 5.57 -2.20
N ILE A 215 1.16 4.65 -3.12
CA ILE A 215 0.61 3.26 -2.87
C ILE A 215 1.65 2.29 -3.46
N VAL A 216 2.16 1.32 -2.69
CA VAL A 216 3.11 0.32 -3.24
C VAL A 216 2.58 -0.33 -4.50
N SER A 217 3.28 -0.30 -5.62
CA SER A 217 2.76 -0.76 -6.89
C SER A 217 3.67 -1.79 -7.56
N TRP A 218 4.93 -1.46 -7.89
CA TRP A 218 5.84 -2.37 -8.60
C TRP A 218 7.31 -2.12 -8.50
N GLY A 219 8.12 -3.08 -8.92
CA GLY A 219 9.57 -2.89 -8.94
C GLY A 219 10.25 -4.10 -9.53
N ARG A 220 11.48 -3.93 -10.01
CA ARG A 220 12.25 -5.06 -10.53
C ARG A 220 12.98 -5.78 -9.34
N GLY A 221 12.57 -6.95 -8.85
CA GLY A 221 13.19 -7.53 -7.65
C GLY A 221 12.80 -6.79 -6.38
N CYS A 222 13.55 -7.04 -5.30
CA CYS A 222 13.45 -6.30 -4.02
C CYS A 222 14.85 -5.90 -3.53
N ALA A 223 15.02 -4.60 -3.30
CA ALA A 223 16.26 -4.05 -2.77
C ALA A 223 17.47 -4.32 -3.67
N LEU A 224 17.18 -4.31 -4.97
CA LEU A 224 18.16 -4.56 -6.05
C LEU A 224 18.74 -3.21 -6.46
N LYS A 225 20.05 -3.26 -6.66
CA LYS A 225 20.72 -2.05 -7.08
C LYS A 225 20.17 -1.41 -8.41
N ASP A 226 19.94 -0.11 -8.31
CA ASP A 226 19.34 0.80 -9.33
C ASP A 226 17.90 0.48 -9.76
N LYS A 227 17.25 -0.23 -8.83
CA LYS A 227 15.88 -0.67 -9.15
C LYS A 227 14.96 -0.21 -7.99
N PRO A 228 14.55 1.07 -8.02
CA PRO A 228 13.62 1.53 -6.94
C PRO A 228 12.29 0.84 -6.84
N GLY A 229 11.70 0.97 -5.66
CA GLY A 229 10.28 0.72 -5.57
C GLY A 229 9.48 1.77 -6.33
N VAL A 230 8.35 1.40 -6.95
CA VAL A 230 7.58 2.41 -7.69
C VAL A 230 6.14 2.41 -7.08
N TYR A 231 5.59 3.61 -7.03
CA TYR A 231 4.36 3.88 -6.19
C TYR A 231 3.39 4.65 -7.07
N THR A 232 2.10 4.36 -7.00
CA THR A 232 1.07 5.21 -7.65
C THR A 232 1.04 6.59 -7.04
N ARG A 233 1.11 7.63 -7.89
CA ARG A 233 1.11 8.99 -7.32
C ARG A 233 -0.32 9.45 -7.07
N VAL A 234 -0.65 9.39 -5.77
CA VAL A 234 -2.03 9.64 -5.30
C VAL A 234 -2.52 11.08 -5.68
N SER A 235 -1.74 12.15 -5.68
CA SER A 235 -2.29 13.52 -6.07
C SER A 235 -2.87 13.54 -7.47
N HIS A 236 -2.40 12.70 -8.38
CA HIS A 236 -2.98 12.76 -9.71
C HIS A 236 -4.45 12.28 -9.81
N PHE A 237 -4.71 11.35 -8.89
CA PHE A 237 -6.00 10.67 -8.85
C PHE A 237 -7.04 11.32 -7.96
N LEU A 238 -6.79 12.51 -7.39
CA LEU A 238 -7.80 13.16 -6.62
C LEU A 238 -9.23 13.36 -7.25
N PRO A 239 -9.32 13.76 -8.55
CA PRO A 239 -10.66 13.79 -9.22
C PRO A 239 -11.30 12.41 -9.30
N TRP A 240 -10.55 11.36 -9.59
CA TRP A 240 -11.15 9.95 -9.54
C TRP A 240 -11.52 9.49 -8.15
N ILE A 241 -10.66 9.75 -7.15
CA ILE A 241 -11.00 9.37 -5.75
C ILE A 241 -12.28 10.12 -5.26
N ARG A 242 -12.41 11.43 -5.50
CA ARG A 242 -13.61 12.20 -5.05
C ARG A 242 -14.80 11.75 -5.86
N SER A 243 -14.70 11.55 -7.17
CA SER A 243 -15.91 11.15 -7.91
C SER A 243 -16.32 9.69 -7.50
N HIS A 244 -15.42 8.75 -7.18
CA HIS A 244 -15.88 7.45 -6.84
C HIS A 244 -16.19 7.27 -5.34
N THR A 245 -16.06 8.24 -4.46
CA THR A 245 -16.46 8.06 -3.05
C THR A 245 -17.72 8.91 -2.77
S SO4 B . -18.83 -18.05 -8.83
O1 SO4 B . -19.17 -18.90 -7.67
O2 SO4 B . -19.87 -17.27 -9.37
O3 SO4 B . -18.27 -18.98 -9.78
O4 SO4 B . -17.86 -17.15 -8.31
S SO4 C . 1.58 -8.31 -4.01
O1 SO4 C . 1.18 -9.51 -3.26
O2 SO4 C . 0.73 -7.60 -4.89
O3 SO4 C . 1.52 -8.58 -5.40
O4 SO4 C . 2.72 -7.66 -3.41
S SO4 D . -1.60 16.08 -12.25
O1 SO4 D . -0.91 16.95 -13.12
O2 SO4 D . -1.21 14.84 -12.73
O3 SO4 D . -3.03 16.30 -12.38
O4 SO4 D . -1.18 16.27 -10.92
N18 239 E . 9.68 -2.30 -3.91
C17 239 E . 9.87 -3.36 -4.73
N19 239 E . 11.01 -3.72 -5.35
C12 239 E . 8.66 -4.13 -5.03
C13 239 E . 8.68 -5.49 -5.47
C3 239 E . 7.55 -6.24 -5.83
C4 239 E . 7.71 -7.59 -6.14
C5 239 E . 6.52 -8.28 -6.42
C6 239 E . 5.21 -7.77 -6.50
C1 239 E . 5.18 -6.42 -6.13
C2 239 E . 6.28 -5.60 -5.77
C10 239 E . 6.10 -4.29 -5.34
C11 239 E . 7.28 -3.60 -4.98
C23 239 E . 4.07 -8.53 -7.00
O35 239 E . 4.11 -9.74 -6.78
N24 239 E . 3.11 -7.95 -7.78
C25 239 E . 1.99 -8.51 -8.41
C30 239 E . 1.35 -9.65 -7.86
C29 239 E . 0.25 -10.18 -8.57
C28 239 E . -0.20 -9.50 -9.73
C27 239 E . 0.40 -8.32 -10.22
C26 239 E . 1.58 -7.90 -9.59
C37 239 E . -1.36 -10.11 -10.49
N38 239 E . -0.94 -11.20 -11.36
#